data_1JLX
#
_entry.id   1JLX
#
_cell.length_a   111.300
_cell.length_b   99.200
_cell.length_c   66.300
_cell.angle_alpha   90.00
_cell.angle_beta   90.00
_cell.angle_gamma   90.00
#
_symmetry.space_group_name_H-M   'P 21 21 21'
#
loop_
_entity.id
_entity.type
_entity.pdbx_description
1 polymer AGGLUTININ
2 branched beta-D-galactopyranose-(1-3)-2-acetamido-2-deoxy-alpha-D-galactopyranose
3 non-polymer 'FORMYL GROUP'
4 non-polymer TOLUENE
5 water water
#
_entity_poly.entity_id   1
_entity_poly.type   'polypeptide(L)'
_entity_poly.pdbx_seq_one_letter_code
;AGLPVIMCLKSNNHQKYLRYQSDNIQQYGLLQFSADKILDPLAQFEVEPSKTYDGLVHIKSRYTNKYLVRWSPNHYWITA
SANEPDENKSNWACTLFKPLYVEEGNMKKVRLLHVQLGHYTQNYTVGGSFVSYLFAESSQIDTGSKDVFHVIDWKSIFQF
PKGYVTFKGNNGKYLGVITINQLPCLQFGYDNLNDPKVAHQMFVTSNGTICIKSNYMNKFWRLSTDDWILVDGNDPRETN
EAAALFRSDVHDFNVISLLNMQKTWFIKRFTSGKPGFINCMNAATQNVDETAILEIIELGQNN
;
_entity_poly.pdbx_strand_id   A,B
#
loop_
_chem_comp.id
_chem_comp.type
_chem_comp.name
_chem_comp.formula
A2G D-saccharide, alpha linking 2-acetamido-2-deoxy-alpha-D-galactopyranose 'C8 H15 N O6'
FOR non-polymer 'FORMYL GROUP' 'C H2 O'
GAL D-saccharide, beta linking beta-D-galactopyranose 'C6 H12 O6'
MBN non-polymer TOLUENE 'C7 H8'
#
# COMPACT_ATOMS: atom_id res chain seq x y z
N ALA A 1 -5.50 -21.18 -4.74
CA ALA A 1 -4.79 -22.24 -5.49
C ALA A 1 -3.33 -22.47 -5.07
N GLY A 2 -3.09 -22.49 -3.76
CA GLY A 2 -1.74 -22.71 -3.24
C GLY A 2 -0.89 -21.45 -3.10
N LEU A 3 -1.48 -20.35 -3.52
CA LEU A 3 -0.82 -19.06 -3.46
C LEU A 3 -1.28 -18.37 -2.16
N PRO A 4 -0.43 -17.49 -1.59
CA PRO A 4 -0.67 -16.71 -0.38
C PRO A 4 -1.79 -15.66 -0.66
N VAL A 5 -2.60 -15.34 0.35
CA VAL A 5 -3.67 -14.34 0.20
C VAL A 5 -3.08 -12.98 -0.22
N ILE A 6 -1.96 -12.61 0.39
CA ILE A 6 -1.30 -11.36 0.05
C ILE A 6 0.10 -11.84 -0.27
N MET A 7 0.57 -11.49 -1.45
CA MET A 7 1.85 -11.96 -1.89
C MET A 7 2.67 -10.91 -2.55
N CYS A 8 3.92 -11.26 -2.77
CA CYS A 8 4.88 -10.43 -3.45
C CYS A 8 5.45 -11.39 -4.50
N LEU A 9 5.88 -10.87 -5.65
CA LEU A 9 6.46 -11.71 -6.69
C LEU A 9 7.82 -11.18 -7.08
N LYS A 10 8.80 -12.07 -7.09
CA LYS A 10 10.16 -11.69 -7.40
C LYS A 10 10.59 -12.34 -8.71
N SER A 11 11.31 -11.59 -9.53
CA SER A 11 11.78 -12.14 -10.79
C SER A 11 13.26 -12.49 -10.73
N ASN A 12 13.56 -13.76 -10.96
CA ASN A 12 14.91 -14.30 -10.96
C ASN A 12 15.80 -13.69 -12.04
N ASN A 13 15.16 -13.26 -13.13
CA ASN A 13 15.88 -12.65 -14.22
C ASN A 13 16.73 -11.46 -13.80
N HIS A 14 16.28 -10.71 -12.81
CA HIS A 14 17.05 -9.55 -12.37
C HIS A 14 16.82 -9.20 -10.89
N GLN A 15 16.29 -10.18 -10.18
CA GLN A 15 16.03 -10.10 -8.74
C GLN A 15 15.31 -8.86 -8.19
N LYS A 16 14.19 -8.52 -8.81
CA LYS A 16 13.42 -7.37 -8.35
C LYS A 16 12.02 -7.86 -8.11
N TYR A 17 11.30 -7.13 -7.26
CA TYR A 17 9.94 -7.46 -6.95
C TYR A 17 8.98 -6.72 -7.86
N LEU A 18 7.87 -7.36 -8.19
CA LEU A 18 6.85 -6.75 -9.03
C LEU A 18 6.22 -5.62 -8.22
N ARG A 19 6.02 -4.46 -8.85
CA ARG A 19 5.38 -3.32 -8.19
C ARG A 19 4.57 -2.51 -9.20
N TYR A 20 3.53 -1.87 -8.70
CA TYR A 20 2.65 -1.01 -9.47
C TYR A 20 3.43 0.22 -9.95
N GLN A 21 3.35 0.55 -11.23
CA GLN A 21 4.05 1.74 -11.76
C GLN A 21 3.16 2.95 -11.50
N SER A 22 3.63 3.83 -10.62
CA SER A 22 2.86 5.01 -10.24
C SER A 22 3.34 6.32 -10.84
N ASP A 23 4.50 6.31 -11.50
CA ASP A 23 4.99 7.52 -12.13
C ASP A 23 4.03 7.93 -13.24
N ASN A 24 4.00 9.22 -13.54
CA ASN A 24 3.11 9.77 -14.56
C ASN A 24 3.72 9.63 -15.92
N ILE A 25 3.84 8.39 -16.36
CA ILE A 25 4.42 8.06 -17.65
C ILE A 25 3.48 7.15 -18.44
N GLN A 26 3.85 6.90 -19.68
CA GLN A 26 3.06 6.04 -20.57
C GLN A 26 2.69 4.72 -19.91
N GLN A 27 3.66 4.18 -19.17
CA GLN A 27 3.49 2.89 -18.46
C GLN A 27 2.72 2.92 -17.14
N TYR A 28 2.17 4.08 -16.78
CA TYR A 28 1.41 4.22 -15.56
C TYR A 28 0.38 3.10 -15.43
N GLY A 29 0.31 2.48 -14.26
CA GLY A 29 -0.67 1.43 -14.04
C GLY A 29 -0.15 0.06 -14.37
N LEU A 30 0.90 -0.03 -15.17
CA LEU A 30 1.45 -1.32 -15.52
C LEU A 30 2.25 -1.83 -14.33
N LEU A 31 2.70 -3.09 -14.41
CA LEU A 31 3.44 -3.73 -13.34
C LEU A 31 4.91 -4.00 -13.72
N GLN A 32 5.82 -3.30 -13.06
CA GLN A 32 7.26 -3.40 -13.32
C GLN A 32 8.05 -4.12 -12.24
N PHE A 33 8.97 -4.98 -12.66
CA PHE A 33 9.78 -5.68 -11.72
C PHE A 33 10.90 -4.71 -11.39
N SER A 34 10.62 -3.80 -10.48
CA SER A 34 11.63 -2.82 -10.09
C SER A 34 11.70 -2.48 -8.60
N ALA A 35 10.93 -3.17 -7.77
CA ALA A 35 10.99 -2.89 -6.34
C ALA A 35 12.22 -3.61 -5.83
N ASP A 36 13.15 -2.86 -5.25
CA ASP A 36 14.37 -3.45 -4.68
C ASP A 36 14.07 -4.19 -3.37
N LYS A 37 13.13 -3.66 -2.59
CA LYS A 37 12.77 -4.28 -1.31
C LYS A 37 11.36 -4.79 -1.36
N ILE A 38 11.15 -5.87 -0.63
CA ILE A 38 9.86 -6.50 -0.50
C ILE A 38 8.94 -5.59 0.34
N LEU A 39 9.53 -4.62 1.04
CA LEU A 39 8.80 -3.67 1.90
C LEU A 39 8.14 -2.54 1.13
N ASP A 40 8.58 -2.37 -0.12
CA ASP A 40 8.04 -1.35 -1.01
C ASP A 40 6.53 -1.46 -0.91
N PRO A 41 5.86 -0.37 -0.53
CA PRO A 41 4.39 -0.42 -0.41
C PRO A 41 3.57 -0.58 -1.71
N LEU A 42 4.25 -0.62 -2.84
CA LEU A 42 3.55 -0.80 -4.12
C LEU A 42 3.74 -2.23 -4.62
N ALA A 43 4.41 -3.05 -3.80
CA ALA A 43 4.71 -4.44 -4.15
C ALA A 43 3.78 -5.53 -3.66
N GLN A 44 2.68 -5.17 -3.03
CA GLN A 44 1.79 -6.22 -2.56
C GLN A 44 0.62 -6.47 -3.49
N PHE A 45 0.29 -7.74 -3.63
CA PHE A 45 -0.80 -8.19 -4.48
C PHE A 45 -1.63 -9.17 -3.68
N GLU A 46 -2.94 -9.07 -3.81
CA GLU A 46 -3.84 -9.98 -3.11
C GLU A 46 -4.43 -10.96 -4.08
N VAL A 47 -4.39 -12.23 -3.73
CA VAL A 47 -4.94 -13.27 -4.56
C VAL A 47 -6.35 -13.58 -4.13
N GLU A 48 -7.21 -13.86 -5.09
CA GLU A 48 -8.61 -14.14 -4.82
C GLU A 48 -9.08 -15.28 -5.70
N PRO A 49 -9.46 -16.41 -5.10
CA PRO A 49 -9.92 -17.58 -5.84
C PRO A 49 -11.10 -17.31 -6.76
N SER A 50 -11.16 -18.07 -7.85
CA SER A 50 -12.24 -17.93 -8.83
C SER A 50 -13.52 -18.55 -8.28
N LYS A 51 -14.62 -17.81 -8.40
CA LYS A 51 -15.92 -18.28 -7.92
C LYS A 51 -16.33 -19.59 -8.60
N THR A 52 -16.21 -19.59 -9.94
CA THR A 52 -16.61 -20.69 -10.82
C THR A 52 -15.59 -21.81 -11.12
N TYR A 53 -14.38 -21.45 -11.53
CA TYR A 53 -13.40 -22.47 -11.90
C TYR A 53 -12.35 -22.72 -10.82
N ASP A 54 -12.44 -23.92 -10.24
CA ASP A 54 -11.50 -24.36 -9.22
C ASP A 54 -10.09 -24.32 -9.83
N GLY A 55 -9.13 -23.79 -9.09
CA GLY A 55 -7.78 -23.71 -9.60
C GLY A 55 -7.44 -22.38 -10.27
N LEU A 56 -8.45 -21.61 -10.68
CA LEU A 56 -8.22 -20.31 -11.31
C LEU A 56 -8.29 -19.23 -10.23
N VAL A 57 -7.54 -18.16 -10.45
CA VAL A 57 -7.40 -17.10 -9.48
C VAL A 57 -7.49 -15.69 -10.10
N HIS A 58 -7.94 -14.72 -9.29
CA HIS A 58 -8.01 -13.30 -9.68
C HIS A 58 -6.92 -12.67 -8.83
N ILE A 59 -6.26 -11.63 -9.32
CA ILE A 59 -5.20 -10.99 -8.56
C ILE A 59 -5.37 -9.47 -8.61
N LYS A 60 -5.34 -8.80 -7.44
CA LYS A 60 -5.45 -7.34 -7.44
C LYS A 60 -4.31 -6.66 -6.73
N SER A 61 -4.01 -5.43 -7.13
CA SER A 61 -2.98 -4.66 -6.45
C SER A 61 -3.58 -4.26 -5.10
N ARG A 62 -2.81 -4.41 -4.03
CA ARG A 62 -3.29 -4.02 -2.70
C ARG A 62 -3.49 -2.49 -2.67
N TYR A 63 -2.57 -1.77 -3.27
CA TYR A 63 -2.62 -0.33 -3.31
C TYR A 63 -3.90 0.20 -3.95
N THR A 64 -4.10 -0.06 -5.24
CA THR A 64 -5.29 0.42 -5.94
C THR A 64 -6.51 -0.39 -5.63
N ASN A 65 -6.28 -1.63 -5.23
CA ASN A 65 -7.35 -2.58 -4.93
C ASN A 65 -8.10 -2.97 -6.23
N LYS A 66 -7.42 -2.85 -7.36
CA LYS A 66 -8.02 -3.18 -8.65
C LYS A 66 -7.35 -4.37 -9.30
N TYR A 67 -8.16 -5.15 -10.00
CA TYR A 67 -7.68 -6.37 -10.64
C TYR A 67 -6.74 -6.27 -11.83
N LEU A 68 -5.85 -7.27 -11.94
CA LEU A 68 -4.89 -7.35 -13.05
C LEU A 68 -5.72 -7.75 -14.30
N VAL A 69 -5.54 -7.00 -15.39
CA VAL A 69 -6.27 -7.24 -16.63
C VAL A 69 -5.41 -6.73 -17.77
N ARG A 70 -5.73 -7.13 -19.00
CA ARG A 70 -4.97 -6.66 -20.17
C ARG A 70 -5.26 -5.18 -20.33
N TRP A 71 -4.24 -4.45 -20.75
CA TRP A 71 -4.31 -3.00 -20.94
C TRP A 71 -5.47 -2.58 -21.86
N SER A 72 -5.67 -3.31 -22.96
CA SER A 72 -6.75 -2.99 -23.90
C SER A 72 -7.02 -4.22 -24.75
N PRO A 73 -7.96 -4.12 -25.70
CA PRO A 73 -8.23 -5.30 -26.52
C PRO A 73 -7.03 -5.69 -27.38
N ASN A 74 -6.11 -4.76 -27.58
CA ASN A 74 -4.95 -5.02 -28.44
C ASN A 74 -3.61 -5.19 -27.70
N HIS A 75 -3.62 -5.36 -26.39
CA HIS A 75 -2.34 -5.45 -25.70
C HIS A 75 -2.23 -6.64 -24.80
N TYR A 76 -1.00 -7.10 -24.61
CA TYR A 76 -0.71 -8.23 -23.75
C TYR A 76 -0.15 -7.71 -22.42
N TRP A 77 0.12 -6.42 -22.34
CA TRP A 77 0.64 -5.81 -21.12
C TRP A 77 -0.44 -5.89 -20.04
N ILE A 78 -0.05 -6.21 -18.81
CA ILE A 78 -0.99 -6.35 -17.70
C ILE A 78 -1.02 -5.08 -16.82
N THR A 79 -2.21 -4.57 -16.55
CA THR A 79 -2.42 -3.36 -15.76
C THR A 79 -3.29 -3.75 -14.55
N ALA A 80 -3.00 -3.19 -13.38
CA ALA A 80 -3.79 -3.52 -12.18
C ALA A 80 -4.81 -2.41 -12.14
N SER A 81 -5.84 -2.56 -12.96
CA SER A 81 -6.84 -1.50 -13.12
C SER A 81 -8.28 -1.91 -13.31
N ALA A 82 -8.60 -3.20 -13.26
CA ALA A 82 -9.99 -3.59 -13.44
C ALA A 82 -10.78 -3.34 -12.14
N ASN A 83 -11.94 -2.70 -12.26
CA ASN A 83 -12.80 -2.41 -11.13
C ASN A 83 -13.43 -3.67 -10.60
N GLU A 84 -13.68 -4.62 -11.48
CA GLU A 84 -14.22 -5.87 -10.99
C GLU A 84 -13.76 -7.10 -11.76
N PRO A 85 -13.84 -8.27 -11.11
CA PRO A 85 -13.41 -9.49 -11.78
C PRO A 85 -14.36 -9.86 -12.93
N ASP A 86 -13.79 -10.52 -13.92
CA ASP A 86 -14.50 -10.98 -15.10
C ASP A 86 -14.07 -12.42 -15.30
N GLU A 87 -15.02 -13.34 -15.27
CA GLU A 87 -14.68 -14.76 -15.43
C GLU A 87 -15.05 -15.36 -16.77
N ASN A 88 -15.43 -14.50 -17.71
CA ASN A 88 -15.79 -14.93 -19.04
C ASN A 88 -14.48 -15.07 -19.80
N LYS A 89 -14.03 -16.31 -19.93
CA LYS A 89 -12.78 -16.65 -20.59
C LYS A 89 -12.66 -16.16 -22.02
N SER A 90 -13.80 -15.87 -22.65
CA SER A 90 -13.82 -15.37 -24.02
C SER A 90 -13.60 -13.85 -24.10
N ASN A 91 -13.81 -13.14 -23.00
CA ASN A 91 -13.65 -11.68 -22.95
C ASN A 91 -12.19 -11.30 -22.80
N TRP A 92 -11.74 -10.33 -23.59
CA TRP A 92 -10.36 -9.89 -23.53
C TRP A 92 -10.00 -9.32 -22.16
N ALA A 93 -11.02 -8.96 -21.37
CA ALA A 93 -10.84 -8.39 -20.04
C ALA A 93 -11.01 -9.43 -18.94
N CYS A 94 -11.07 -10.69 -19.33
CA CYS A 94 -11.18 -11.74 -18.35
C CYS A 94 -10.01 -11.54 -17.39
N THR A 95 -10.26 -11.63 -16.10
CA THR A 95 -9.19 -11.43 -15.09
C THR A 95 -8.58 -12.72 -14.53
N LEU A 96 -9.06 -13.86 -15.00
CA LEU A 96 -8.55 -15.14 -14.52
C LEU A 96 -7.10 -15.45 -14.88
N PHE A 97 -6.37 -16.01 -13.91
CA PHE A 97 -4.98 -16.43 -14.11
C PHE A 97 -4.87 -17.87 -13.61
N LYS A 98 -3.84 -18.56 -14.03
CA LYS A 98 -3.66 -19.93 -13.60
C LYS A 98 -2.25 -20.12 -13.11
N PRO A 99 -2.07 -20.31 -11.79
CA PRO A 99 -0.71 -20.50 -11.28
C PRO A 99 -0.27 -21.94 -11.65
N LEU A 100 0.92 -22.06 -12.23
CA LEU A 100 1.44 -23.37 -12.63
C LEU A 100 2.79 -23.47 -11.98
N TYR A 101 2.93 -24.40 -11.05
CA TYR A 101 4.18 -24.57 -10.32
C TYR A 101 5.29 -25.22 -11.14
N VAL A 102 6.46 -24.58 -11.10
CA VAL A 102 7.59 -25.03 -11.86
C VAL A 102 8.05 -26.42 -11.46
N GLU A 103 8.39 -26.61 -10.19
CA GLU A 103 8.82 -27.91 -9.67
C GLU A 103 7.74 -28.47 -8.75
N GLU A 104 7.29 -29.68 -9.05
CA GLU A 104 6.23 -30.34 -8.30
C GLU A 104 6.50 -30.34 -6.80
N GLY A 105 5.50 -29.87 -6.06
CA GLY A 105 5.59 -29.79 -4.61
C GLY A 105 5.95 -28.40 -4.11
N ASN A 106 6.81 -27.71 -4.85
CA ASN A 106 7.27 -26.37 -4.53
C ASN A 106 6.24 -25.31 -4.88
N MET A 107 5.71 -24.65 -3.85
CA MET A 107 4.69 -23.61 -4.00
C MET A 107 5.28 -22.22 -4.15
N LYS A 108 6.60 -22.11 -4.00
CA LYS A 108 7.27 -20.81 -4.08
C LYS A 108 7.87 -20.50 -5.46
N LYS A 109 7.65 -21.38 -6.42
CA LYS A 109 8.15 -21.19 -7.79
C LYS A 109 6.96 -21.43 -8.69
N VAL A 110 6.50 -20.38 -9.36
CA VAL A 110 5.34 -20.51 -10.23
C VAL A 110 5.48 -19.74 -11.53
N ARG A 111 4.59 -20.08 -12.46
CA ARG A 111 4.46 -19.40 -13.73
C ARG A 111 3.01 -18.98 -13.66
N LEU A 112 2.72 -17.76 -14.10
CA LEU A 112 1.35 -17.26 -14.08
C LEU A 112 0.77 -17.23 -15.48
N LEU A 113 -0.27 -18.01 -15.68
CA LEU A 113 -0.92 -18.08 -16.97
C LEU A 113 -2.17 -17.19 -17.12
N HIS A 114 -2.18 -16.30 -18.10
CA HIS A 114 -3.35 -15.46 -18.35
C HIS A 114 -4.30 -16.42 -19.00
N VAL A 115 -5.40 -16.72 -18.35
CA VAL A 115 -6.37 -17.67 -18.89
C VAL A 115 -6.95 -17.41 -20.29
N GLN A 116 -7.55 -16.23 -20.47
CA GLN A 116 -8.17 -15.86 -21.73
C GLN A 116 -7.21 -16.00 -22.94
N LEU A 117 -6.00 -15.50 -22.79
CA LEU A 117 -4.99 -15.55 -23.84
C LEU A 117 -4.30 -16.92 -23.92
N GLY A 118 -4.16 -17.58 -22.77
CA GLY A 118 -3.46 -18.86 -22.72
C GLY A 118 -1.97 -18.58 -22.83
N HIS A 119 -1.54 -17.37 -22.51
CA HIS A 119 -0.14 -16.97 -22.55
C HIS A 119 0.46 -16.90 -21.12
N TYR A 120 1.75 -17.23 -21.01
CA TYR A 120 2.45 -17.15 -19.73
C TYR A 120 2.85 -15.70 -19.62
N THR A 121 2.99 -15.18 -18.41
CA THR A 121 3.43 -13.80 -18.22
C THR A 121 4.94 -13.82 -17.99
N GLN A 122 5.64 -12.77 -18.44
CA GLN A 122 7.10 -12.69 -18.30
C GLN A 122 7.53 -11.33 -17.81
N ASN A 123 8.75 -11.27 -17.28
CA ASN A 123 9.32 -10.00 -16.88
C ASN A 123 9.84 -9.63 -18.28
N TYR A 124 9.04 -8.90 -19.02
CA TYR A 124 9.36 -8.55 -20.40
C TYR A 124 9.87 -7.16 -20.70
N THR A 125 10.84 -7.08 -21.59
CA THR A 125 11.41 -5.81 -22.00
C THR A 125 11.30 -5.70 -23.51
N VAL A 126 10.76 -4.58 -23.98
CA VAL A 126 10.63 -4.39 -25.40
C VAL A 126 11.71 -3.40 -25.82
N GLY A 127 11.53 -2.15 -25.49
CA GLY A 127 12.57 -1.22 -25.87
C GLY A 127 12.38 0.12 -25.25
N GLY A 128 13.48 0.67 -24.75
CA GLY A 128 13.48 2.00 -24.18
C GLY A 128 12.61 2.25 -22.95
N SER A 129 11.30 2.37 -23.14
CA SER A 129 10.42 2.64 -22.03
C SER A 129 9.77 1.41 -21.44
N PHE A 130 9.51 0.42 -22.29
CA PHE A 130 8.89 -0.82 -21.82
C PHE A 130 9.96 -1.77 -21.33
N VAL A 131 10.56 -1.43 -20.19
CA VAL A 131 11.62 -2.25 -19.61
C VAL A 131 11.15 -3.00 -18.37
N SER A 132 11.23 -4.31 -18.43
CA SER A 132 10.84 -5.17 -17.33
C SER A 132 9.39 -5.09 -16.85
N TYR A 133 8.43 -5.06 -17.79
CA TYR A 133 7.00 -5.02 -17.44
C TYR A 133 6.32 -6.37 -17.61
N LEU A 134 5.31 -6.63 -16.81
CA LEU A 134 4.58 -7.88 -16.86
C LEU A 134 3.84 -7.91 -18.19
N PHE A 135 4.09 -8.96 -18.98
CA PHE A 135 3.53 -9.09 -20.33
C PHE A 135 3.16 -10.53 -20.65
N ALA A 136 1.91 -10.79 -21.05
CA ALA A 136 1.49 -12.17 -21.41
C ALA A 136 1.96 -12.53 -22.84
N GLU A 137 3.23 -12.88 -22.97
CA GLU A 137 3.89 -13.15 -24.24
C GLU A 137 3.29 -14.18 -25.17
N SER A 138 3.32 -15.45 -24.79
CA SER A 138 2.79 -16.48 -25.66
C SER A 138 2.49 -17.75 -24.89
N SER A 139 2.14 -18.82 -25.61
CA SER A 139 1.84 -20.11 -25.03
C SER A 139 3.12 -20.93 -24.85
N GLN A 140 4.26 -20.40 -25.30
CA GLN A 140 5.53 -21.10 -25.16
C GLN A 140 6.24 -20.67 -23.88
N ILE A 141 6.80 -21.64 -23.18
CA ILE A 141 7.54 -21.40 -21.95
C ILE A 141 8.79 -20.67 -22.41
N ASP A 142 9.22 -19.65 -21.69
CA ASP A 142 10.41 -18.90 -22.10
C ASP A 142 11.71 -19.67 -21.94
N THR A 143 12.64 -19.44 -22.86
CA THR A 143 13.94 -20.08 -22.81
C THR A 143 14.85 -19.41 -21.74
N GLY A 144 14.69 -18.11 -21.54
CA GLY A 144 15.49 -17.39 -20.55
C GLY A 144 14.95 -17.38 -19.11
N SER A 145 13.88 -18.15 -18.87
CA SER A 145 13.23 -18.23 -17.56
C SER A 145 12.58 -16.93 -17.04
N LYS A 146 12.31 -16.00 -17.94
CA LYS A 146 11.68 -14.74 -17.58
C LYS A 146 10.21 -14.90 -17.18
N ASP A 147 9.70 -16.13 -17.27
CA ASP A 147 8.31 -16.40 -16.89
C ASP A 147 8.16 -17.13 -15.53
N VAL A 148 9.29 -17.40 -14.87
CA VAL A 148 9.29 -18.09 -13.59
C VAL A 148 9.37 -17.06 -12.47
N PHE A 149 8.48 -17.14 -11.49
CA PHE A 149 8.50 -16.18 -10.40
C PHE A 149 8.66 -16.86 -9.05
N HIS A 150 9.18 -16.13 -8.08
CA HIS A 150 9.31 -16.65 -6.71
C HIS A 150 8.21 -15.98 -5.90
N VAL A 151 7.34 -16.80 -5.35
CA VAL A 151 6.21 -16.36 -4.54
C VAL A 151 6.64 -16.16 -3.10
N ILE A 152 6.20 -15.05 -2.52
CA ILE A 152 6.53 -14.70 -1.14
C ILE A 152 5.26 -14.28 -0.41
N ASP A 153 5.04 -14.89 0.75
CA ASP A 153 3.88 -14.56 1.59
C ASP A 153 4.24 -13.31 2.36
N TRP A 154 3.46 -12.26 2.14
CA TRP A 154 3.66 -10.96 2.76
C TRP A 154 3.56 -11.08 4.26
N LYS A 155 2.61 -11.88 4.72
CA LYS A 155 2.37 -12.12 6.13
C LYS A 155 3.62 -12.61 6.85
N SER A 156 4.31 -13.57 6.25
CA SER A 156 5.51 -14.16 6.83
C SER A 156 6.68 -13.23 7.12
N ILE A 157 6.72 -12.06 6.49
CA ILE A 157 7.82 -11.11 6.72
C ILE A 157 7.77 -10.61 8.19
N PHE A 158 6.56 -10.56 8.77
CA PHE A 158 6.34 -10.10 10.15
C PHE A 158 6.16 -11.23 11.14
N GLN A 159 6.67 -12.40 10.79
CA GLN A 159 6.59 -13.58 11.65
C GLN A 159 7.99 -14.02 11.97
N PHE A 160 8.15 -14.61 13.13
CA PHE A 160 9.47 -15.05 13.53
C PHE A 160 9.48 -16.52 13.77
N PRO A 161 10.65 -17.13 13.66
CA PRO A 161 10.70 -18.58 13.90
C PRO A 161 10.62 -18.94 15.40
N LYS A 162 9.54 -19.57 15.83
CA LYS A 162 9.51 -19.97 17.23
C LYS A 162 10.17 -21.34 17.22
N GLY A 163 11.17 -21.46 18.08
CA GLY A 163 12.00 -22.64 18.22
C GLY A 163 13.28 -21.93 18.63
N TYR A 164 14.30 -22.64 19.04
CA TYR A 164 15.49 -21.91 19.46
C TYR A 164 16.08 -21.11 18.33
N VAL A 165 16.36 -19.85 18.62
CA VAL A 165 16.97 -18.93 17.68
C VAL A 165 18.02 -18.21 18.51
N THR A 166 18.94 -17.54 17.85
CA THR A 166 19.90 -16.72 18.55
C THR A 166 19.91 -15.48 17.70
N PHE A 167 20.68 -14.48 18.11
CA PHE A 167 20.76 -13.22 17.40
C PHE A 167 22.22 -12.94 17.10
N LYS A 168 22.52 -12.51 15.90
CA LYS A 168 23.88 -12.19 15.52
C LYS A 168 23.98 -10.68 15.36
N GLY A 169 24.88 -10.08 16.14
CA GLY A 169 25.04 -8.64 16.10
C GLY A 169 26.00 -8.19 15.04
N ASN A 170 26.13 -6.89 14.85
CA ASN A 170 27.00 -6.38 13.80
C ASN A 170 28.50 -6.50 14.04
N ASN A 171 28.92 -7.21 15.09
CA ASN A 171 30.35 -7.38 15.33
C ASN A 171 30.68 -8.82 14.98
N GLY A 172 29.66 -9.55 14.55
CA GLY A 172 29.82 -10.93 14.17
C GLY A 172 29.59 -11.96 15.25
N LYS A 173 29.31 -11.53 16.47
CA LYS A 173 29.11 -12.48 17.58
C LYS A 173 27.65 -12.82 17.81
N TYR A 174 27.41 -13.85 18.60
CA TYR A 174 26.06 -14.30 18.92
C TYR A 174 25.78 -13.84 20.32
N LEU A 175 24.50 -13.58 20.57
CA LEU A 175 24.01 -13.05 21.85
C LEU A 175 23.76 -14.12 22.92
N GLY A 176 24.57 -14.11 23.98
CA GLY A 176 24.41 -15.11 25.02
C GLY A 176 24.37 -14.53 26.42
N VAL A 177 23.76 -15.26 27.36
CA VAL A 177 23.67 -14.78 28.75
C VAL A 177 25.06 -14.75 29.34
N ILE A 178 25.29 -13.78 30.21
CA ILE A 178 26.55 -13.65 30.88
C ILE A 178 26.32 -12.88 32.15
N THR A 179 26.82 -13.39 33.27
CA THR A 179 26.65 -12.71 34.53
C THR A 179 27.80 -11.73 34.68
N ILE A 180 27.48 -10.46 34.91
CA ILE A 180 28.48 -9.44 35.06
C ILE A 180 28.10 -8.55 36.22
N ASN A 181 28.98 -8.46 37.21
CA ASN A 181 28.75 -7.64 38.41
C ASN A 181 27.41 -8.07 39.05
N GLN A 182 27.23 -9.40 39.15
CA GLN A 182 26.03 -10.03 39.71
C GLN A 182 24.73 -9.75 38.90
N LEU A 183 24.88 -9.20 37.69
CA LEU A 183 23.74 -8.92 36.83
C LEU A 183 23.69 -9.93 35.70
N PRO A 184 22.52 -10.51 35.44
CA PRO A 184 22.40 -11.48 34.35
C PRO A 184 22.23 -10.77 32.97
N CYS A 185 23.36 -10.39 32.36
CA CYS A 185 23.41 -9.68 31.09
C CYS A 185 23.39 -10.52 29.82
N LEU A 186 23.16 -9.85 28.69
CA LEU A 186 23.12 -10.47 27.37
C LEU A 186 24.27 -9.85 26.63
N GLN A 187 25.16 -10.67 26.11
CA GLN A 187 26.34 -10.17 25.42
C GLN A 187 26.56 -10.76 24.03
N PHE A 188 26.99 -9.91 23.11
CA PHE A 188 27.31 -10.36 21.75
C PHE A 188 28.79 -10.74 21.83
N GLY A 189 29.07 -11.87 22.45
CA GLY A 189 30.43 -12.32 22.60
C GLY A 189 30.68 -13.79 22.34
N TYR A 190 29.67 -14.51 21.84
CA TYR A 190 29.81 -15.94 21.57
C TYR A 190 30.15 -16.23 20.11
N ASP A 191 31.01 -17.21 19.86
CA ASP A 191 31.42 -17.56 18.50
C ASP A 191 30.72 -18.80 18.01
N ASN A 192 30.18 -19.58 18.94
CA ASN A 192 29.53 -20.84 18.64
C ASN A 192 28.02 -20.89 18.82
N LEU A 193 27.34 -21.35 17.80
CA LEU A 193 25.89 -21.48 17.81
C LEU A 193 25.45 -22.63 18.71
N ASN A 194 26.40 -23.41 19.20
CA ASN A 194 26.05 -24.53 20.04
C ASN A 194 26.20 -24.29 21.55
N ASP A 195 26.83 -23.18 21.92
CA ASP A 195 26.96 -22.86 23.32
C ASP A 195 25.49 -22.68 23.69
N PRO A 196 24.99 -23.47 24.63
CA PRO A 196 23.58 -23.33 25.00
C PRO A 196 23.17 -22.00 25.65
N LYS A 197 24.15 -21.21 26.08
CA LYS A 197 23.85 -19.90 26.69
C LYS A 197 23.39 -18.90 25.60
N VAL A 198 23.53 -19.34 24.35
CA VAL A 198 23.18 -18.53 23.19
C VAL A 198 21.73 -18.73 22.71
N ALA A 199 21.01 -19.66 23.30
CA ALA A 199 19.63 -19.96 22.89
C ALA A 199 18.53 -19.12 23.50
N HIS A 200 17.59 -18.70 22.66
CA HIS A 200 16.45 -17.89 23.07
C HIS A 200 15.19 -18.37 22.34
N GLN A 201 14.02 -17.97 22.84
CA GLN A 201 12.73 -18.32 22.24
C GLN A 201 11.91 -17.02 22.19
N MET A 202 11.30 -16.73 21.04
CA MET A 202 10.50 -15.52 20.84
C MET A 202 9.03 -15.83 20.83
N PHE A 203 8.25 -15.10 21.62
CA PHE A 203 6.81 -15.29 21.64
C PHE A 203 6.23 -13.99 21.11
N VAL A 204 5.45 -14.09 20.04
CA VAL A 204 4.82 -12.94 19.41
C VAL A 204 3.37 -13.02 19.90
N THR A 205 2.84 -11.91 20.39
CA THR A 205 1.48 -11.90 20.91
C THR A 205 0.49 -11.36 19.87
N SER A 206 -0.81 -11.46 20.15
CA SER A 206 -1.81 -10.99 19.20
C SER A 206 -1.85 -9.48 18.99
N ASN A 207 -1.34 -8.74 19.96
CA ASN A 207 -1.32 -7.28 19.90
C ASN A 207 -0.08 -6.80 19.19
N GLY A 208 0.82 -7.72 18.90
CA GLY A 208 2.02 -7.35 18.18
C GLY A 208 3.31 -7.28 18.94
N THR A 209 3.24 -7.14 20.27
CA THR A 209 4.47 -7.06 21.09
C THR A 209 5.13 -8.44 21.10
N ILE A 210 6.42 -8.47 21.39
CA ILE A 210 7.16 -9.72 21.41
C ILE A 210 7.86 -9.82 22.75
N CYS A 211 7.87 -11.00 23.34
CA CYS A 211 8.63 -11.18 24.56
C CYS A 211 9.62 -12.31 24.27
N ILE A 212 10.82 -12.21 24.80
CA ILE A 212 11.83 -13.19 24.52
C ILE A 212 12.32 -13.88 25.80
N LYS A 213 12.50 -15.19 25.72
CA LYS A 213 12.93 -15.98 26.85
C LYS A 213 14.28 -16.62 26.65
N SER A 214 15.18 -16.39 27.58
CA SER A 214 16.49 -17.02 27.51
C SER A 214 16.29 -18.47 27.93
N ASN A 215 16.78 -19.36 27.10
CA ASN A 215 16.69 -20.80 27.34
C ASN A 215 17.49 -21.28 28.51
N TYR A 216 18.71 -20.77 28.57
CA TYR A 216 19.66 -21.11 29.60
C TYR A 216 19.12 -20.73 30.95
N MET A 217 18.70 -19.47 31.09
CA MET A 217 18.19 -18.93 32.35
C MET A 217 16.76 -19.31 32.65
N ASN A 218 15.99 -19.52 31.59
CA ASN A 218 14.57 -19.79 31.72
C ASN A 218 13.88 -18.55 32.29
N LYS A 219 14.34 -17.38 31.86
CA LYS A 219 13.77 -16.10 32.30
C LYS A 219 13.66 -15.19 31.08
N PHE A 220 12.76 -14.22 31.14
CA PHE A 220 12.57 -13.30 30.02
C PHE A 220 13.44 -12.07 30.05
N TRP A 221 13.74 -11.57 28.86
CA TRP A 221 14.54 -10.36 28.70
C TRP A 221 13.69 -9.23 29.33
N ARG A 222 14.35 -8.28 29.97
CA ARG A 222 13.62 -7.22 30.63
C ARG A 222 14.55 -6.04 30.79
N LEU A 223 14.06 -4.86 30.45
CA LEU A 223 14.82 -3.66 30.60
C LEU A 223 14.90 -3.40 32.11
N SER A 224 16.09 -3.10 32.60
CA SER A 224 16.24 -2.88 34.03
C SER A 224 17.31 -1.82 34.33
N THR A 225 18.15 -2.11 35.32
CA THR A 225 19.23 -1.25 35.76
C THR A 225 20.07 -0.65 34.64
N ASP A 226 20.22 0.67 34.65
CA ASP A 226 21.01 1.38 33.64
C ASP A 226 20.60 1.07 32.20
N ASP A 227 19.34 0.68 32.03
CA ASP A 227 18.78 0.33 30.73
C ASP A 227 19.42 -0.88 30.07
N TRP A 228 20.04 -1.75 30.87
CA TRP A 228 20.62 -2.99 30.36
C TRP A 228 19.42 -3.89 30.23
N ILE A 229 19.47 -4.80 29.27
CA ILE A 229 18.39 -5.74 29.12
C ILE A 229 18.91 -6.93 29.93
N LEU A 230 18.23 -7.23 31.02
CA LEU A 230 18.64 -8.31 31.89
C LEU A 230 17.71 -9.50 31.74
N VAL A 231 18.22 -10.66 32.09
CA VAL A 231 17.45 -11.88 31.99
C VAL A 231 16.91 -12.27 33.36
N ASP A 232 15.85 -11.60 33.82
CA ASP A 232 15.31 -11.93 35.13
C ASP A 232 13.79 -11.83 35.17
N GLY A 233 13.19 -11.52 34.04
CA GLY A 233 11.77 -11.32 34.06
C GLY A 233 10.86 -12.51 34.07
N ASN A 234 9.68 -12.27 34.63
CA ASN A 234 8.59 -13.24 34.66
C ASN A 234 7.90 -13.09 33.30
N ASP A 235 6.94 -13.96 33.03
CA ASP A 235 6.22 -13.94 31.77
C ASP A 235 5.37 -12.71 31.65
N PRO A 236 5.77 -11.75 30.79
CA PRO A 236 5.01 -10.51 30.60
C PRO A 236 3.68 -10.71 29.89
N ARG A 237 3.42 -11.90 29.37
CA ARG A 237 2.12 -12.15 28.74
C ARG A 237 1.14 -12.23 29.89
N GLU A 238 1.68 -12.37 31.09
CA GLU A 238 0.87 -12.46 32.27
C GLU A 238 0.99 -11.15 33.04
N THR A 239 2.20 -10.64 33.18
CA THR A 239 2.38 -9.42 33.95
C THR A 239 2.11 -8.09 33.25
N ASN A 240 2.16 -8.08 31.92
CA ASN A 240 1.95 -6.85 31.15
C ASN A 240 2.95 -5.77 31.49
N GLU A 241 4.15 -6.20 31.84
CA GLU A 241 5.19 -5.26 32.16
C GLU A 241 5.87 -4.81 30.85
N ALA A 242 5.70 -3.53 30.54
CA ALA A 242 6.24 -2.93 29.33
C ALA A 242 7.72 -3.17 29.17
N ALA A 243 8.45 -3.20 30.28
CA ALA A 243 9.89 -3.40 30.24
C ALA A 243 10.33 -4.72 29.60
N ALA A 244 9.45 -5.72 29.65
CA ALA A 244 9.77 -7.00 29.04
C ALA A 244 9.03 -7.22 27.68
N LEU A 245 8.52 -6.13 27.09
CA LEU A 245 7.80 -6.20 25.83
C LEU A 245 8.57 -5.44 24.77
N PHE A 246 8.66 -6.01 23.58
CA PHE A 246 9.36 -5.38 22.47
C PHE A 246 8.47 -5.33 21.24
N ARG A 247 8.74 -4.37 20.36
CA ARG A 247 8.00 -4.25 19.11
C ARG A 247 9.09 -4.21 18.03
N SER A 248 8.98 -5.05 17.02
CA SER A 248 10.03 -5.09 16.01
C SER A 248 9.85 -4.18 14.81
N ASP A 249 10.98 -3.83 14.22
CA ASP A 249 11.03 -3.03 13.00
C ASP A 249 11.78 -3.98 12.05
N VAL A 250 11.05 -4.57 11.11
CA VAL A 250 11.64 -5.50 10.14
C VAL A 250 12.29 -4.81 8.96
N HIS A 251 13.53 -5.18 8.71
CA HIS A 251 14.32 -4.60 7.62
C HIS A 251 14.27 -5.52 6.41
N ASP A 252 14.21 -6.81 6.70
CA ASP A 252 14.18 -7.85 5.68
C ASP A 252 14.01 -9.16 6.44
N PHE A 253 13.96 -10.26 5.72
CA PHE A 253 13.77 -11.57 6.33
C PHE A 253 14.82 -11.87 7.38
N ASN A 254 14.35 -12.00 8.62
CA ASN A 254 15.18 -12.29 9.79
C ASN A 254 16.18 -11.20 10.17
N VAL A 255 15.94 -9.98 9.72
CA VAL A 255 16.82 -8.87 10.04
C VAL A 255 15.89 -7.82 10.62
N ILE A 256 16.05 -7.57 11.92
CA ILE A 256 15.19 -6.65 12.61
C ILE A 256 15.91 -5.75 13.61
N SER A 257 15.11 -4.90 14.24
CA SER A 257 15.52 -4.00 15.32
C SER A 257 14.35 -4.12 16.29
N LEU A 258 14.63 -4.14 17.59
CA LEU A 258 13.54 -4.26 18.56
C LEU A 258 13.51 -3.05 19.45
N LEU A 259 12.33 -2.46 19.60
CA LEU A 259 12.15 -1.28 20.43
C LEU A 259 11.61 -1.79 21.76
N ASN A 260 12.24 -1.41 22.87
CA ASN A 260 11.78 -1.82 24.20
C ASN A 260 10.62 -0.88 24.54
N MET A 261 9.51 -1.44 24.98
CA MET A 261 8.31 -0.68 25.28
C MET A 261 8.28 0.17 26.55
N GLN A 262 9.28 0.00 27.41
CA GLN A 262 9.34 0.79 28.62
C GLN A 262 10.11 2.06 28.28
N LYS A 263 11.24 1.92 27.63
CA LYS A 263 11.98 3.13 27.28
C LYS A 263 11.59 3.73 25.92
N THR A 264 10.97 2.90 25.07
CA THR A 264 10.61 3.20 23.67
C THR A 264 11.87 3.62 22.92
N TRP A 265 12.96 2.93 23.18
CA TRP A 265 14.23 3.16 22.54
C TRP A 265 14.66 1.79 22.01
N PHE A 266 15.50 1.78 20.97
CA PHE A 266 15.97 0.52 20.39
C PHE A 266 17.10 -0.08 21.20
N ILE A 267 17.12 -1.41 21.28
CA ILE A 267 18.16 -2.13 22.00
C ILE A 267 19.30 -2.35 21.05
N LYS A 268 20.53 -2.30 21.56
CA LYS A 268 21.69 -2.43 20.70
C LYS A 268 22.92 -2.87 21.44
N ARG A 269 23.92 -3.33 20.68
CA ARG A 269 25.19 -3.74 21.24
C ARG A 269 25.78 -2.46 21.83
N PHE A 270 26.12 -2.50 23.12
CA PHE A 270 26.63 -1.32 23.80
C PHE A 270 27.77 -1.66 24.77
N THR A 271 28.71 -0.73 24.91
CA THR A 271 29.84 -0.87 25.83
C THR A 271 29.80 0.47 26.59
N SER A 272 29.33 0.41 27.83
CA SER A 272 29.17 1.61 28.65
C SER A 272 30.45 2.31 29.09
N GLY A 273 31.48 1.52 29.35
CA GLY A 273 32.74 2.08 29.81
C GLY A 273 33.02 1.49 31.17
N LYS A 274 31.93 1.23 31.93
CA LYS A 274 32.07 0.62 33.24
C LYS A 274 32.65 -0.77 32.96
N PRO A 275 33.70 -1.16 33.69
CA PRO A 275 34.36 -2.46 33.53
C PRO A 275 33.42 -3.65 33.43
N GLY A 276 33.64 -4.47 32.40
CA GLY A 276 32.83 -5.65 32.19
C GLY A 276 31.66 -5.48 31.26
N PHE A 277 31.08 -4.29 31.21
CA PHE A 277 29.95 -4.09 30.34
C PHE A 277 30.38 -3.80 28.90
N ILE A 278 30.86 -4.85 28.24
CA ILE A 278 31.36 -4.77 26.88
C ILE A 278 30.46 -5.53 25.94
N ASN A 279 29.93 -4.85 24.92
CA ASN A 279 29.05 -5.45 23.92
C ASN A 279 27.80 -6.06 24.52
N CYS A 280 27.22 -5.38 25.51
CA CYS A 280 26.02 -5.89 26.15
C CYS A 280 24.77 -5.20 25.65
N MET A 281 23.64 -5.89 25.70
CA MET A 281 22.39 -5.35 25.21
C MET A 281 21.90 -4.21 26.08
N ASN A 282 21.70 -3.05 25.47
CA ASN A 282 21.21 -1.89 26.21
C ASN A 282 20.26 -1.10 25.33
N ALA A 283 19.19 -0.55 25.90
CA ALA A 283 18.24 0.26 25.12
C ALA A 283 18.88 1.65 25.01
N ALA A 284 19.89 1.75 24.17
CA ALA A 284 20.66 2.96 24.04
C ALA A 284 20.53 3.83 22.80
N THR A 285 19.53 3.62 21.98
CA THR A 285 19.43 4.46 20.80
C THR A 285 17.97 4.70 20.44
N GLN A 286 17.64 5.97 20.29
CA GLN A 286 16.29 6.37 19.99
C GLN A 286 15.83 5.89 18.62
N ASN A 287 16.70 6.07 17.63
CA ASN A 287 16.43 5.64 16.27
C ASN A 287 17.39 4.52 15.92
N VAL A 288 17.03 3.70 14.94
CA VAL A 288 17.87 2.58 14.54
C VAL A 288 19.28 2.98 14.12
N ASP A 289 20.29 2.32 14.67
CA ASP A 289 21.65 2.58 14.24
C ASP A 289 22.23 1.22 13.85
N GLU A 290 23.44 1.22 13.29
CA GLU A 290 24.09 -0.02 12.87
C GLU A 290 24.15 -1.09 13.98
N THR A 291 24.47 -0.67 15.20
CA THR A 291 24.55 -1.57 16.34
C THR A 291 23.20 -2.09 16.80
N ALA A 292 22.12 -1.56 16.23
CA ALA A 292 20.76 -1.97 16.57
C ALA A 292 20.15 -2.99 15.63
N ILE A 293 20.88 -3.43 14.60
CA ILE A 293 20.38 -4.43 13.65
C ILE A 293 20.73 -5.85 14.08
N LEU A 294 19.72 -6.68 14.29
CA LEU A 294 19.92 -8.05 14.74
C LEU A 294 19.51 -9.03 13.67
N GLU A 295 20.32 -10.04 13.46
CA GLU A 295 20.00 -11.06 12.50
C GLU A 295 19.57 -12.30 13.28
N ILE A 296 18.38 -12.81 12.98
CA ILE A 296 17.86 -13.99 13.65
C ILE A 296 18.41 -15.30 13.04
N ILE A 297 19.10 -16.09 13.85
CA ILE A 297 19.65 -17.37 13.41
C ILE A 297 18.85 -18.50 14.03
N GLU A 298 18.24 -19.34 13.21
CA GLU A 298 17.46 -20.46 13.73
C GLU A 298 18.40 -21.53 14.20
N LEU A 299 18.01 -22.19 15.29
CA LEU A 299 18.84 -23.21 15.88
C LEU A 299 18.13 -24.56 15.77
N ALA B 1 -19.92 0.46 10.23
CA ALA B 1 -20.57 1.55 10.97
C ALA B 1 -20.63 2.88 10.21
N GLY B 2 -20.96 2.81 8.92
CA GLY B 2 -21.06 4.01 8.11
C GLY B 2 -19.77 4.50 7.48
N LEU B 3 -18.63 3.95 7.89
CA LEU B 3 -17.33 4.34 7.31
C LEU B 3 -17.10 3.50 6.06
N PRO B 4 -16.30 4.00 5.10
CA PRO B 4 -16.01 3.23 3.87
C PRO B 4 -15.08 2.06 4.18
N VAL B 5 -15.17 0.98 3.42
CA VAL B 5 -14.34 -0.18 3.66
C VAL B 5 -12.84 0.14 3.62
N ILE B 6 -12.42 1.02 2.72
CA ILE B 6 -11.04 1.43 2.65
C ILE B 6 -11.14 2.95 2.66
N MET B 7 -10.40 3.59 3.55
CA MET B 7 -10.48 5.03 3.67
C MET B 7 -9.15 5.68 3.93
N CYS B 8 -9.15 7.00 3.84
CA CYS B 8 -8.00 7.81 4.11
C CYS B 8 -8.51 8.84 5.10
N LEU B 9 -7.67 9.20 6.07
CA LEU B 9 -8.08 10.19 7.09
C LEU B 9 -7.33 11.48 6.95
N LYS B 10 -8.07 12.57 6.81
CA LYS B 10 -7.47 13.89 6.69
C LYS B 10 -7.65 14.70 7.99
N SER B 11 -6.56 15.27 8.47
CA SER B 11 -6.57 16.06 9.68
C SER B 11 -7.17 17.43 9.45
N ASN B 12 -8.28 17.70 10.14
CA ASN B 12 -8.94 19.01 10.03
C ASN B 12 -7.91 20.05 10.38
N ASN B 13 -7.15 19.71 11.41
CA ASN B 13 -6.07 20.50 11.99
C ASN B 13 -4.97 21.05 11.07
N HIS B 14 -4.31 20.21 10.26
CA HIS B 14 -3.25 20.75 9.40
C HIS B 14 -3.27 20.20 7.97
N GLN B 15 -4.42 19.62 7.62
CA GLN B 15 -4.66 19.14 6.27
C GLN B 15 -3.73 18.06 5.68
N LYS B 16 -3.18 17.19 6.50
CA LYS B 16 -2.34 16.12 5.97
C LYS B 16 -3.12 14.86 6.19
N TYR B 17 -2.80 13.81 5.43
CA TYR B 17 -3.47 12.53 5.61
C TYR B 17 -2.69 11.63 6.56
N LEU B 18 -3.42 10.77 7.27
CA LEU B 18 -2.84 9.84 8.20
C LEU B 18 -2.04 8.78 7.45
N ARG B 19 -0.78 8.58 7.79
CA ARG B 19 -0.01 7.53 7.15
C ARG B 19 0.89 6.77 8.09
N TYR B 20 1.14 5.52 7.74
CA TYR B 20 1.99 4.64 8.49
C TYR B 20 3.41 5.18 8.43
N GLN B 21 4.04 5.27 9.60
CA GLN B 21 5.41 5.75 9.71
C GLN B 21 6.33 4.57 9.42
N SER B 22 7.03 4.64 8.31
CA SER B 22 7.91 3.56 7.88
C SER B 22 9.40 3.79 8.10
N ASP B 23 9.79 4.99 8.50
CA ASP B 23 11.21 5.26 8.74
C ASP B 23 11.69 4.44 9.91
N ASN B 24 12.98 4.14 9.92
CA ASN B 24 13.55 3.37 11.00
C ASN B 24 13.86 4.32 12.16
N ILE B 25 12.81 4.89 12.71
CA ILE B 25 12.94 5.85 13.79
C ILE B 25 12.19 5.36 15.02
N GLN B 26 12.32 6.05 16.14
CA GLN B 26 11.60 5.63 17.33
C GLN B 26 10.12 5.44 17.03
N GLN B 27 9.58 6.32 16.20
CA GLN B 27 8.16 6.28 15.87
C GLN B 27 7.71 5.27 14.82
N TYR B 28 8.59 4.36 14.39
CA TYR B 28 8.23 3.35 13.38
C TYR B 28 6.93 2.62 13.76
N GLY B 29 6.01 2.48 12.79
CA GLY B 29 4.76 1.78 13.07
C GLY B 29 3.61 2.62 13.56
N LEU B 30 3.94 3.81 14.08
CA LEU B 30 2.91 4.72 14.57
C LEU B 30 2.32 5.39 13.33
N LEU B 31 1.20 6.09 13.52
CA LEU B 31 0.46 6.75 12.45
C LEU B 31 0.60 8.27 12.49
N GLN B 32 1.23 8.86 11.47
CA GLN B 32 1.44 10.30 11.42
C GLN B 32 0.68 11.03 10.31
N PHE B 33 0.11 12.18 10.64
CA PHE B 33 -0.62 12.96 9.64
C PHE B 33 0.39 13.75 8.89
N SER B 34 1.08 13.08 7.97
CA SER B 34 2.12 13.72 7.16
C SER B 34 2.01 13.47 5.64
N ALA B 35 1.00 12.71 5.19
CA ALA B 35 0.86 12.45 3.76
C ALA B 35 0.27 13.69 3.13
N ASP B 36 0.96 14.25 2.13
CA ASP B 36 0.49 15.46 1.42
C ASP B 36 -0.61 15.15 0.41
N LYS B 37 -0.57 13.95 -0.17
CA LYS B 37 -1.54 13.54 -1.17
C LYS B 37 -2.22 12.27 -0.72
N ILE B 38 -3.46 12.10 -1.14
CA ILE B 38 -4.22 10.91 -0.80
C ILE B 38 -3.64 9.68 -1.47
N LEU B 39 -2.91 9.91 -2.57
CA LEU B 39 -2.33 8.83 -3.33
C LEU B 39 -1.16 8.17 -2.64
N ASP B 40 -0.73 8.69 -1.50
CA ASP B 40 0.39 8.10 -0.78
C ASP B 40 0.07 6.62 -0.50
N PRO B 41 0.95 5.69 -0.94
CA PRO B 41 0.69 4.27 -0.70
C PRO B 41 0.69 3.81 0.75
N LEU B 42 0.93 4.74 1.68
CA LEU B 42 0.92 4.42 3.11
C LEU B 42 -0.30 4.99 3.82
N ALA B 43 -1.15 5.70 3.10
CA ALA B 43 -2.29 6.36 3.70
C ALA B 43 -3.66 5.68 3.66
N GLN B 44 -3.74 4.42 3.24
CA GLN B 44 -5.05 3.75 3.19
C GLN B 44 -5.26 2.80 4.36
N PHE B 45 -6.48 2.77 4.88
CA PHE B 45 -6.84 1.93 6.01
C PHE B 45 -8.09 1.21 5.69
N GLU B 46 -8.25 0.02 6.23
CA GLU B 46 -9.45 -0.76 5.98
C GLU B 46 -10.25 -0.88 7.25
N VAL B 47 -11.57 -0.88 7.12
CA VAL B 47 -12.46 -0.95 8.23
C VAL B 47 -13.18 -2.27 8.30
N GLU B 48 -13.20 -2.87 9.49
CA GLU B 48 -13.89 -4.14 9.75
C GLU B 48 -14.89 -3.95 10.89
N PRO B 49 -16.17 -4.18 10.62
CA PRO B 49 -17.14 -4.02 11.71
C PRO B 49 -16.92 -5.06 12.82
N SER B 50 -17.20 -4.65 14.05
CA SER B 50 -17.06 -5.51 15.19
C SER B 50 -17.97 -6.72 15.00
N LYS B 51 -17.54 -7.83 15.57
CA LYS B 51 -18.32 -9.05 15.50
C LYS B 51 -19.50 -9.02 16.48
N THR B 52 -19.26 -8.63 17.74
CA THR B 52 -20.32 -8.60 18.76
C THR B 52 -20.93 -7.24 19.07
N TYR B 53 -20.13 -6.19 18.95
CA TYR B 53 -20.62 -4.88 19.26
C TYR B 53 -21.05 -4.08 18.06
N ASP B 54 -22.35 -3.88 17.98
CA ASP B 54 -22.94 -3.11 16.90
C ASP B 54 -22.40 -1.68 16.99
N GLY B 55 -22.08 -1.08 15.85
CA GLY B 55 -21.56 0.27 15.82
C GLY B 55 -20.08 0.42 16.10
N LEU B 56 -19.42 -0.66 16.50
CA LEU B 56 -17.98 -0.61 16.78
C LEU B 56 -17.26 -1.17 15.57
N VAL B 57 -16.00 -0.76 15.42
CA VAL B 57 -15.19 -1.08 14.25
C VAL B 57 -13.71 -1.35 14.62
N HIS B 58 -13.02 -2.16 13.81
CA HIS B 58 -11.59 -2.44 13.98
C HIS B 58 -10.98 -1.80 12.75
N ILE B 59 -9.76 -1.30 12.84
CA ILE B 59 -9.13 -0.65 11.71
C ILE B 59 -7.72 -1.17 11.51
N LYS B 60 -7.32 -1.41 10.27
CA LYS B 60 -5.97 -1.89 9.98
C LYS B 60 -5.31 -1.11 8.88
N SER B 61 -3.98 -1.09 8.88
CA SER B 61 -3.24 -0.41 7.83
C SER B 61 -3.29 -1.33 6.62
N ARG B 62 -3.65 -0.80 5.45
CA ARG B 62 -3.71 -1.62 4.25
C ARG B 62 -2.32 -2.22 3.96
N TYR B 63 -1.28 -1.42 4.18
CA TYR B 63 0.09 -1.85 3.96
C TYR B 63 0.53 -3.05 4.81
N THR B 64 0.48 -2.93 6.14
CA THR B 64 0.87 -4.04 7.02
C THR B 64 -0.26 -5.04 7.18
N ASN B 65 -1.47 -4.56 6.99
CA ASN B 65 -2.66 -5.39 7.15
C ASN B 65 -2.78 -5.80 8.63
N LYS B 66 -2.29 -4.93 9.50
CA LYS B 66 -2.35 -5.15 10.95
C LYS B 66 -3.22 -4.06 11.60
N TYR B 67 -3.93 -4.44 12.66
CA TYR B 67 -4.85 -3.56 13.34
C TYR B 67 -4.27 -2.46 14.20
N LEU B 68 -4.96 -1.31 14.23
CA LEU B 68 -4.54 -0.16 15.04
C LEU B 68 -4.80 -0.61 16.48
N VAL B 69 -3.79 -0.44 17.33
CA VAL B 69 -3.84 -0.86 18.74
C VAL B 69 -2.91 0.07 19.53
N ARG B 70 -3.06 0.10 20.85
CA ARG B 70 -2.18 0.93 21.67
C ARG B 70 -0.75 0.39 21.58
N TRP B 71 0.23 1.29 21.67
CA TRP B 71 1.63 0.93 21.60
C TRP B 71 2.05 -0.06 22.71
N SER B 72 1.55 0.14 23.92
CA SER B 72 1.88 -0.75 25.03
C SER B 72 0.88 -0.49 26.10
N PRO B 73 0.95 -1.21 27.23
CA PRO B 73 -0.04 -0.95 28.28
C PRO B 73 0.11 0.44 28.86
N ASN B 74 1.25 1.08 28.62
CA ASN B 74 1.52 2.40 29.19
C ASN B 74 1.40 3.59 28.25
N HIS B 75 0.99 3.35 27.00
CA HIS B 75 0.89 4.42 26.00
C HIS B 75 -0.48 4.59 25.35
N TYR B 76 -0.78 5.81 24.96
CA TYR B 76 -2.03 6.12 24.30
C TYR B 76 -1.74 6.30 22.79
N TRP B 77 -0.46 6.22 22.41
CA TRP B 77 -0.05 6.32 20.99
C TRP B 77 -0.61 5.11 20.25
N ILE B 78 -1.11 5.32 19.03
CA ILE B 78 -1.71 4.23 18.26
C ILE B 78 -0.74 3.68 17.18
N THR B 79 -0.57 2.36 17.19
CA THR B 79 0.32 1.66 16.26
C THR B 79 -0.49 0.67 15.40
N ALA B 80 -0.14 0.58 14.11
CA ALA B 80 -0.84 -0.34 13.19
C ALA B 80 -0.03 -1.64 13.19
N SER B 81 -0.17 -2.42 14.27
CA SER B 81 0.61 -3.63 14.47
C SER B 81 -0.05 -4.82 15.13
N ALA B 82 -1.29 -4.70 15.58
CA ALA B 82 -1.91 -5.86 16.19
C ALA B 82 -2.11 -6.93 15.12
N ASN B 83 -1.80 -8.17 15.48
CA ASN B 83 -1.94 -9.29 14.56
C ASN B 83 -3.38 -9.65 14.33
N GLU B 84 -4.19 -9.51 15.38
CA GLU B 84 -5.60 -9.80 15.26
C GLU B 84 -6.42 -8.85 16.10
N PRO B 85 -7.72 -8.74 15.79
CA PRO B 85 -8.54 -7.84 16.57
C PRO B 85 -8.86 -8.42 17.92
N ASP B 86 -9.16 -7.52 18.85
CA ASP B 86 -9.47 -7.86 20.22
C ASP B 86 -10.73 -7.08 20.63
N GLU B 87 -11.79 -7.82 20.96
CA GLU B 87 -13.05 -7.22 21.34
C GLU B 87 -13.25 -7.13 22.83
N ASN B 88 -12.22 -7.48 23.58
CA ASN B 88 -12.29 -7.40 25.02
C ASN B 88 -12.06 -5.96 25.37
N LYS B 89 -13.12 -5.28 25.78
CA LYS B 89 -13.07 -3.87 26.13
C LYS B 89 -12.21 -3.53 27.33
N SER B 90 -11.90 -4.53 28.14
CA SER B 90 -11.09 -4.34 29.34
C SER B 90 -9.60 -4.39 29.07
N ASN B 91 -9.22 -5.18 28.08
CA ASN B 91 -7.82 -5.33 27.73
C ASN B 91 -7.23 -4.09 27.04
N TRP B 92 -6.03 -3.69 27.47
CA TRP B 92 -5.34 -2.53 26.90
C TRP B 92 -5.13 -2.64 25.38
N ALA B 93 -5.04 -3.86 24.88
CA ALA B 93 -4.83 -4.12 23.47
C ALA B 93 -6.12 -4.23 22.68
N CYS B 94 -7.24 -3.85 23.31
CA CYS B 94 -8.54 -3.86 22.64
C CYS B 94 -8.42 -3.07 21.34
N THR B 95 -8.96 -3.59 20.24
CA THR B 95 -8.84 -2.88 18.98
C THR B 95 -10.08 -2.10 18.53
N LEU B 96 -11.12 -2.09 19.36
CA LEU B 96 -12.34 -1.39 19.04
C LEU B 96 -12.23 0.13 19.08
N PHE B 97 -12.86 0.78 18.10
CA PHE B 97 -12.92 2.22 17.96
C PHE B 97 -14.37 2.51 17.66
N LYS B 98 -14.85 3.68 18.06
CA LYS B 98 -16.22 4.05 17.83
C LYS B 98 -16.25 5.32 17.01
N PRO B 99 -16.80 5.25 15.78
CA PRO B 99 -16.82 6.50 15.01
C PRO B 99 -17.99 7.33 15.50
N LEU B 100 -17.74 8.61 15.75
CA LEU B 100 -18.80 9.52 16.21
C LEU B 100 -18.89 10.64 15.17
N TYR B 101 -20.02 10.73 14.49
CA TYR B 101 -20.18 11.76 13.47
C TYR B 101 -20.50 13.09 14.10
N VAL B 102 -19.74 14.10 13.68
CA VAL B 102 -19.85 15.46 14.16
C VAL B 102 -21.19 16.08 13.77
N GLU B 103 -21.57 15.89 12.51
CA GLU B 103 -22.82 16.43 12.00
C GLU B 103 -23.70 15.25 11.63
N GLU B 104 -24.88 15.19 12.23
CA GLU B 104 -25.81 14.09 11.98
C GLU B 104 -26.16 13.98 10.50
N GLY B 105 -26.00 12.78 9.95
CA GLY B 105 -26.29 12.56 8.54
C GLY B 105 -25.08 12.68 7.62
N ASN B 106 -24.09 13.46 8.05
CA ASN B 106 -22.86 13.64 7.30
C ASN B 106 -21.89 12.55 7.76
N MET B 107 -21.64 11.58 6.89
CA MET B 107 -20.75 10.49 7.24
C MET B 107 -19.29 10.79 6.92
N LYS B 108 -18.97 12.05 6.68
CA LYS B 108 -17.61 12.44 6.33
C LYS B 108 -16.75 13.12 7.39
N LYS B 109 -17.35 13.73 8.41
CA LYS B 109 -16.59 14.39 9.47
C LYS B 109 -16.77 13.48 10.67
N VAL B 110 -15.68 13.05 11.26
CA VAL B 110 -15.83 12.11 12.36
C VAL B 110 -14.79 12.30 13.46
N ARG B 111 -15.09 11.72 14.63
CA ARG B 111 -14.18 11.67 15.78
C ARG B 111 -14.06 10.16 16.03
N LEU B 112 -12.87 9.67 16.32
CA LEU B 112 -12.70 8.24 16.56
C LEU B 112 -12.38 8.05 18.01
N LEU B 113 -13.25 7.34 18.69
CA LEU B 113 -13.09 7.07 20.09
C LEU B 113 -12.46 5.72 20.30
N HIS B 114 -11.38 5.69 21.08
CA HIS B 114 -10.71 4.45 21.43
C HIS B 114 -11.62 3.89 22.53
N VAL B 115 -12.34 2.81 22.22
CA VAL B 115 -13.28 2.24 23.17
C VAL B 115 -12.75 1.82 24.55
N GLN B 116 -11.59 1.19 24.60
CA GLN B 116 -11.06 0.73 25.89
C GLN B 116 -10.72 1.93 26.82
N LEU B 117 -9.98 2.87 26.29
CA LEU B 117 -9.59 4.04 27.02
C LEU B 117 -10.76 5.00 27.23
N GLY B 118 -11.69 5.04 26.28
CA GLY B 118 -12.79 5.98 26.35
C GLY B 118 -12.26 7.36 25.96
N HIS B 119 -11.21 7.37 25.16
CA HIS B 119 -10.58 8.62 24.74
C HIS B 119 -10.71 8.87 23.25
N TYR B 120 -10.82 10.14 22.87
CA TYR B 120 -10.88 10.53 21.47
C TYR B 120 -9.44 10.53 20.96
N THR B 121 -9.25 10.22 19.68
CA THR B 121 -7.90 10.25 19.12
C THR B 121 -7.71 11.63 18.50
N GLN B 122 -6.47 12.12 18.51
CA GLN B 122 -6.18 13.44 17.99
C GLN B 122 -4.92 13.42 17.16
N ASN B 123 -4.77 14.45 16.33
CA ASN B 123 -3.55 14.63 15.58
C ASN B 123 -2.75 15.32 16.70
N TYR B 124 -1.94 14.53 17.39
CA TYR B 124 -1.17 14.98 18.54
C TYR B 124 0.32 15.27 18.42
N THR B 125 0.77 16.33 19.09
CA THR B 125 2.19 16.70 19.10
C THR B 125 2.73 16.89 20.53
N VAL B 126 3.84 16.22 20.82
CA VAL B 126 4.47 16.31 22.13
C VAL B 126 5.81 17.05 22.06
N GLY B 127 6.30 17.26 20.85
CA GLY B 127 7.55 17.99 20.69
C GLY B 127 8.67 17.09 20.26
N GLY B 128 9.71 17.70 19.71
CA GLY B 128 10.85 16.94 19.24
C GLY B 128 10.47 16.08 18.03
N SER B 129 10.28 14.79 18.27
CA SER B 129 9.94 13.89 17.20
C SER B 129 8.53 13.31 17.25
N PHE B 130 7.80 13.51 18.34
CA PHE B 130 6.43 13.03 18.41
C PHE B 130 5.53 14.12 17.86
N VAL B 131 5.70 14.42 16.58
CA VAL B 131 4.93 15.46 15.93
C VAL B 131 3.83 14.90 15.04
N SER B 132 2.60 15.33 15.29
CA SER B 132 1.47 14.91 14.48
C SER B 132 1.15 13.42 14.40
N TYR B 133 1.16 12.73 15.54
CA TYR B 133 0.84 11.32 15.57
C TYR B 133 -0.51 11.09 16.22
N LEU B 134 -1.17 9.99 15.85
CA LEU B 134 -2.50 9.67 16.38
C LEU B 134 -2.31 9.23 17.83
N PHE B 135 -2.97 9.93 18.75
CA PHE B 135 -2.83 9.71 20.18
C PHE B 135 -4.21 9.77 20.82
N ALA B 136 -4.58 8.77 21.62
CA ALA B 136 -5.90 8.79 22.27
C ALA B 136 -5.72 9.59 23.57
N GLU B 137 -5.83 10.91 23.43
CA GLU B 137 -5.60 11.84 24.52
C GLU B 137 -6.47 11.76 25.77
N SER B 138 -7.78 11.98 25.65
CA SER B 138 -8.63 11.96 26.82
C SER B 138 -10.08 11.88 26.42
N SER B 139 -10.98 11.97 27.39
CA SER B 139 -12.41 11.92 27.14
C SER B 139 -13.00 13.31 26.87
N GLN B 140 -12.12 14.30 26.72
CA GLN B 140 -12.54 15.66 26.48
C GLN B 140 -12.33 16.05 25.03
N ILE B 141 -13.36 16.63 24.43
CA ILE B 141 -13.31 17.12 23.06
C ILE B 141 -12.23 18.18 23.06
N ASP B 142 -11.51 18.31 21.94
CA ASP B 142 -10.43 19.28 21.82
C ASP B 142 -10.90 20.60 21.20
N THR B 143 -10.50 21.72 21.81
CA THR B 143 -10.90 23.05 21.30
C THR B 143 -10.27 23.42 19.99
N GLY B 144 -9.19 22.72 19.63
CA GLY B 144 -8.47 22.98 18.39
C GLY B 144 -8.90 22.09 17.24
N SER B 145 -9.87 21.23 17.52
CA SER B 145 -10.39 20.32 16.51
C SER B 145 -9.35 19.37 15.92
N LYS B 146 -8.34 19.04 16.71
CA LYS B 146 -7.32 18.12 16.24
C LYS B 146 -7.85 16.71 16.34
N ASP B 147 -9.08 16.57 16.83
CA ASP B 147 -9.73 15.26 16.97
C ASP B 147 -10.82 15.01 15.92
N VAL B 148 -11.01 15.99 15.03
CA VAL B 148 -11.98 15.89 13.96
C VAL B 148 -11.21 15.53 12.68
N PHE B 149 -11.71 14.51 11.99
CA PHE B 149 -11.12 14.05 10.74
C PHE B 149 -12.14 13.98 9.60
N HIS B 150 -11.63 14.09 8.38
CA HIS B 150 -12.43 14.00 7.15
C HIS B 150 -12.18 12.61 6.58
N VAL B 151 -13.24 11.83 6.43
CA VAL B 151 -13.16 10.48 5.93
C VAL B 151 -13.31 10.47 4.41
N ILE B 152 -12.29 9.98 3.71
CA ILE B 152 -12.37 9.88 2.26
C ILE B 152 -12.40 8.41 1.86
N ASP B 153 -13.41 8.06 1.07
CA ASP B 153 -13.56 6.69 0.56
C ASP B 153 -12.51 6.53 -0.54
N TRP B 154 -11.54 5.66 -0.30
CA TRP B 154 -10.45 5.40 -1.24
C TRP B 154 -10.92 5.08 -2.66
N LYS B 155 -11.98 4.30 -2.76
CA LYS B 155 -12.47 3.92 -4.06
C LYS B 155 -13.02 5.11 -4.85
N SER B 156 -13.42 6.17 -4.16
CA SER B 156 -13.98 7.34 -4.85
C SER B 156 -13.01 8.21 -5.68
N ILE B 157 -11.70 8.09 -5.48
CA ILE B 157 -10.77 8.91 -6.25
C ILE B 157 -10.58 8.40 -7.72
N PHE B 158 -10.99 7.17 -8.00
CA PHE B 158 -10.90 6.58 -9.33
C PHE B 158 -12.25 6.65 -10.04
N GLN B 159 -13.16 7.44 -9.48
CA GLN B 159 -14.50 7.60 -10.02
C GLN B 159 -14.74 9.03 -10.48
N PHE B 160 -15.57 9.17 -11.51
CA PHE B 160 -15.86 10.46 -12.10
C PHE B 160 -17.34 10.76 -12.05
N PRO B 161 -17.70 12.03 -12.25
CA PRO B 161 -19.10 12.46 -12.22
C PRO B 161 -20.00 11.71 -13.21
N LYS B 162 -21.21 11.42 -12.75
CA LYS B 162 -22.23 10.80 -13.58
C LYS B 162 -22.80 12.04 -14.29
N GLY B 163 -23.64 11.87 -15.31
CA GLY B 163 -24.18 13.08 -15.94
C GLY B 163 -23.14 13.92 -16.69
N TYR B 164 -23.44 15.20 -16.89
CA TYR B 164 -22.57 16.11 -17.64
C TYR B 164 -21.36 16.69 -16.95
N VAL B 165 -20.31 16.86 -17.74
CA VAL B 165 -19.08 17.46 -17.26
C VAL B 165 -18.41 18.08 -18.47
N THR B 166 -17.42 18.90 -18.21
CA THR B 166 -16.62 19.49 -19.25
C THR B 166 -15.21 19.34 -18.70
N PHE B 167 -14.21 19.72 -19.49
CA PHE B 167 -12.82 19.59 -19.07
C PHE B 167 -12.17 20.93 -19.28
N LYS B 168 -11.47 21.38 -18.25
CA LYS B 168 -10.77 22.65 -18.28
C LYS B 168 -9.29 22.42 -18.56
N GLY B 169 -8.81 22.98 -19.67
CA GLY B 169 -7.42 22.83 -20.05
C GLY B 169 -6.52 23.74 -19.25
N ASN B 170 -5.21 23.53 -19.36
CA ASN B 170 -4.27 24.35 -18.61
C ASN B 170 -4.23 25.77 -19.15
N ASN B 171 -4.89 26.00 -20.28
CA ASN B 171 -4.93 27.34 -20.84
C ASN B 171 -6.13 28.08 -20.25
N GLY B 172 -6.79 27.46 -19.28
CA GLY B 172 -7.95 28.07 -18.64
C GLY B 172 -9.26 28.01 -19.41
N LYS B 173 -9.26 27.29 -20.54
CA LYS B 173 -10.45 27.19 -21.38
C LYS B 173 -11.12 25.82 -21.36
N TYR B 174 -12.44 25.82 -21.57
CA TYR B 174 -13.22 24.58 -21.60
C TYR B 174 -13.14 23.88 -22.96
N LEU B 175 -13.33 22.56 -22.92
CA LEU B 175 -13.28 21.71 -24.12
C LEU B 175 -14.63 21.54 -24.78
N GLY B 176 -14.74 22.04 -26.01
CA GLY B 176 -15.99 21.91 -26.73
C GLY B 176 -15.80 21.37 -28.14
N VAL B 177 -16.87 20.83 -28.71
CA VAL B 177 -16.84 20.32 -30.06
C VAL B 177 -16.71 21.51 -31.01
N ILE B 178 -15.93 21.32 -32.06
CA ILE B 178 -15.70 22.34 -33.05
C ILE B 178 -15.42 21.64 -34.37
N THR B 179 -16.04 22.13 -35.45
CA THR B 179 -15.81 21.54 -36.77
C THR B 179 -14.70 22.31 -37.47
N ILE B 180 -13.62 21.61 -37.79
CA ILE B 180 -12.51 22.24 -38.47
C ILE B 180 -12.20 21.32 -39.65
N ASN B 181 -12.45 21.83 -40.85
CA ASN B 181 -12.21 21.09 -42.10
C ASN B 181 -13.11 19.86 -42.16
N GLN B 182 -14.32 19.98 -41.64
CA GLN B 182 -15.31 18.90 -41.57
C GLN B 182 -14.94 17.83 -40.54
N LEU B 183 -13.79 18.01 -39.91
CA LEU B 183 -13.33 17.09 -38.87
C LEU B 183 -13.89 17.67 -37.57
N PRO B 184 -14.77 16.92 -36.91
CA PRO B 184 -15.36 17.40 -35.65
C PRO B 184 -14.35 17.27 -34.51
N CYS B 185 -13.61 18.34 -34.26
CA CYS B 185 -12.58 18.38 -33.22
C CYS B 185 -13.06 18.78 -31.82
N LEU B 186 -12.17 18.62 -30.86
CA LEU B 186 -12.42 18.99 -29.47
C LEU B 186 -11.42 20.10 -29.20
N GLN B 187 -11.90 21.28 -28.86
CA GLN B 187 -11.00 22.38 -28.64
C GLN B 187 -11.14 23.06 -27.31
N PHE B 188 -10.01 23.41 -26.71
CA PHE B 188 -9.98 24.12 -25.44
C PHE B 188 -10.12 25.60 -25.82
N GLY B 189 -11.35 26.05 -26.06
CA GLY B 189 -11.51 27.44 -26.45
C GLY B 189 -12.82 28.08 -26.06
N TYR B 190 -13.51 27.53 -25.08
CA TYR B 190 -14.79 28.08 -24.62
C TYR B 190 -14.69 28.64 -23.18
N ASP B 191 -15.55 29.62 -22.87
CA ASP B 191 -15.58 30.20 -21.52
C ASP B 191 -16.95 30.00 -20.90
N ASN B 192 -17.91 29.53 -21.70
CA ASN B 192 -19.27 29.35 -21.22
C ASN B 192 -19.58 27.90 -20.90
N LEU B 193 -19.86 27.65 -19.62
CA LEU B 193 -20.18 26.32 -19.13
C LEU B 193 -21.57 25.88 -19.55
N ASN B 194 -22.45 26.85 -19.81
CA ASN B 194 -23.82 26.54 -20.24
C ASN B 194 -23.88 26.40 -21.77
N ASP B 195 -22.73 26.46 -22.42
CA ASP B 195 -22.71 26.27 -23.86
C ASP B 195 -22.91 24.77 -23.98
N PRO B 196 -23.92 24.33 -24.77
CA PRO B 196 -24.17 22.90 -24.91
C PRO B 196 -23.07 22.10 -25.60
N LYS B 197 -22.23 22.78 -26.36
CA LYS B 197 -21.13 22.14 -27.06
C LYS B 197 -19.99 21.70 -26.14
N VAL B 198 -20.01 22.23 -24.92
CA VAL B 198 -19.00 21.97 -23.89
C VAL B 198 -19.33 20.73 -23.03
N ALA B 199 -20.55 20.21 -23.17
CA ALA B 199 -21.06 19.06 -22.41
C ALA B 199 -20.63 17.67 -22.90
N HIS B 200 -20.12 16.85 -21.97
CA HIS B 200 -19.67 15.48 -22.26
C HIS B 200 -20.19 14.52 -21.18
N GLN B 201 -20.05 13.23 -21.43
CA GLN B 201 -20.47 12.18 -20.50
C GLN B 201 -19.40 11.07 -20.45
N MET B 202 -18.87 10.79 -19.25
CA MET B 202 -17.84 9.76 -19.05
C MET B 202 -18.43 8.43 -18.64
N PHE B 203 -17.91 7.35 -19.21
CA PHE B 203 -18.38 6.03 -18.86
C PHE B 203 -17.20 5.17 -18.46
N VAL B 204 -17.21 4.70 -17.22
CA VAL B 204 -16.14 3.83 -16.72
C VAL B 204 -16.64 2.40 -16.82
N THR B 205 -15.83 1.51 -17.38
CA THR B 205 -16.27 0.14 -17.54
C THR B 205 -15.70 -0.73 -16.43
N SER B 206 -16.22 -1.95 -16.28
CA SER B 206 -15.72 -2.85 -15.26
C SER B 206 -14.25 -3.19 -15.44
N ASN B 207 -13.71 -3.04 -16.66
CA ASN B 207 -12.30 -3.34 -16.90
C ASN B 207 -11.37 -2.14 -16.70
N GLY B 208 -11.94 -1.00 -16.37
CA GLY B 208 -11.09 0.13 -16.09
C GLY B 208 -10.99 1.17 -17.17
N THR B 209 -11.24 0.79 -18.43
CA THR B 209 -11.18 1.77 -19.50
C THR B 209 -12.41 2.66 -19.43
N ILE B 210 -12.26 3.85 -19.98
CA ILE B 210 -13.29 4.85 -20.00
C ILE B 210 -13.60 5.21 -21.44
N CYS B 211 -14.86 5.51 -21.72
CA CYS B 211 -15.23 6.00 -23.04
C CYS B 211 -15.98 7.30 -22.74
N ILE B 212 -15.73 8.33 -23.54
CA ILE B 212 -16.32 9.64 -23.35
C ILE B 212 -17.21 10.02 -24.56
N LYS B 213 -18.39 10.51 -24.26
CA LYS B 213 -19.37 10.90 -25.26
C LYS B 213 -19.65 12.41 -25.25
N SER B 214 -19.62 13.05 -26.40
CA SER B 214 -19.94 14.47 -26.47
C SER B 214 -21.47 14.42 -26.48
N ASN B 215 -22.12 15.28 -25.72
CA ASN B 215 -23.58 15.25 -25.71
C ASN B 215 -24.15 15.95 -26.88
N TYR B 216 -23.49 17.02 -27.27
CA TYR B 216 -23.91 17.82 -28.40
C TYR B 216 -24.01 16.95 -29.64
N MET B 217 -22.92 16.28 -29.99
CA MET B 217 -22.90 15.42 -31.18
C MET B 217 -23.53 14.09 -30.95
N ASN B 218 -23.45 13.60 -29.72
CA ASN B 218 -23.96 12.28 -29.37
C ASN B 218 -23.08 11.21 -30.05
N LYS B 219 -21.78 11.45 -30.11
CA LYS B 219 -20.81 10.53 -30.69
C LYS B 219 -19.69 10.44 -29.66
N PHE B 220 -18.98 9.31 -29.63
CA PHE B 220 -17.88 9.13 -28.70
C PHE B 220 -16.59 9.66 -29.24
N TRP B 221 -15.70 10.07 -28.35
CA TRP B 221 -14.39 10.59 -28.75
C TRP B 221 -13.66 9.40 -29.37
N ARG B 222 -12.73 9.67 -30.27
CA ARG B 222 -12.01 8.58 -30.93
C ARG B 222 -10.75 9.10 -31.57
N LEU B 223 -9.65 8.41 -31.37
CA LEU B 223 -8.41 8.80 -32.00
C LEU B 223 -8.59 8.47 -33.51
N SER B 224 -8.28 9.45 -34.35
CA SER B 224 -8.41 9.22 -35.78
C SER B 224 -7.29 9.96 -36.54
N THR B 225 -7.69 10.71 -37.56
CA THR B 225 -6.82 11.49 -38.43
C THR B 225 -5.73 12.35 -37.74
N ASP B 226 -4.48 12.00 -37.96
CA ASP B 226 -3.36 12.76 -37.39
C ASP B 226 -3.33 12.78 -35.87
N ASP B 227 -3.81 11.69 -35.30
CA ASP B 227 -3.86 11.51 -33.85
C ASP B 227 -4.72 12.53 -33.13
N TRP B 228 -5.55 13.22 -33.91
CA TRP B 228 -6.52 14.19 -33.38
C TRP B 228 -7.61 13.32 -32.74
N ILE B 229 -8.29 13.85 -31.72
CA ILE B 229 -9.37 13.12 -31.09
C ILE B 229 -10.62 13.77 -31.68
N LEU B 230 -11.36 13.00 -32.46
CA LEU B 230 -12.56 13.46 -33.14
C LEU B 230 -13.77 12.91 -32.45
N VAL B 231 -14.91 13.55 -32.67
CA VAL B 231 -16.15 13.12 -32.07
C VAL B 231 -17.00 12.44 -33.14
N ASP B 232 -16.62 11.22 -33.49
CA ASP B 232 -17.33 10.48 -34.52
C ASP B 232 -17.52 9.00 -34.22
N GLY B 233 -17.09 8.59 -33.04
CA GLY B 233 -17.14 7.19 -32.71
C GLY B 233 -18.43 6.55 -32.30
N ASN B 234 -18.49 5.25 -32.58
CA ASN B 234 -19.61 4.41 -32.17
C ASN B 234 -19.18 4.00 -30.76
N ASP B 235 -20.12 3.48 -29.95
CA ASP B 235 -19.84 3.06 -28.57
C ASP B 235 -18.80 1.95 -28.56
N PRO B 236 -17.61 2.23 -27.99
CA PRO B 236 -16.57 1.20 -27.95
C PRO B 236 -16.90 0.04 -27.01
N ARG B 237 -17.98 0.19 -26.26
CA ARG B 237 -18.40 -0.87 -25.36
C ARG B 237 -19.04 -1.96 -26.20
N GLU B 238 -19.45 -1.59 -27.40
CA GLU B 238 -20.04 -2.54 -28.34
C GLU B 238 -19.00 -2.87 -29.40
N THR B 239 -18.20 -1.90 -29.81
CA THR B 239 -17.19 -2.14 -30.82
C THR B 239 -15.86 -2.70 -30.33
N ASN B 240 -15.49 -2.32 -29.11
CA ASN B 240 -14.22 -2.73 -28.51
C ASN B 240 -13.07 -2.09 -29.26
N GLU B 241 -13.30 -0.92 -29.84
CA GLU B 241 -12.24 -0.24 -30.60
C GLU B 241 -11.30 0.56 -29.69
N ALA B 242 -10.05 0.12 -29.59
CA ALA B 242 -9.10 0.80 -28.71
C ALA B 242 -8.97 2.29 -28.96
N ALA B 243 -9.24 2.73 -30.19
CA ALA B 243 -9.13 4.16 -30.52
C ALA B 243 -10.10 5.04 -29.76
N ALA B 244 -11.18 4.44 -29.26
CA ALA B 244 -12.22 5.16 -28.52
C ALA B 244 -12.26 4.76 -27.02
N LEU B 245 -11.15 4.23 -26.51
CA LEU B 245 -11.07 3.81 -25.11
C LEU B 245 -9.88 4.52 -24.49
N PHE B 246 -10.05 5.00 -23.26
CA PHE B 246 -8.98 5.69 -22.52
C PHE B 246 -8.78 5.06 -21.13
N ARG B 247 -7.63 5.28 -20.54
CA ARG B 247 -7.35 4.81 -19.19
C ARG B 247 -6.84 6.04 -18.49
N SER B 248 -7.29 6.26 -17.28
CA SER B 248 -6.89 7.46 -16.52
C SER B 248 -5.74 7.31 -15.54
N ASP B 249 -4.98 8.39 -15.45
CA ASP B 249 -3.89 8.52 -14.50
C ASP B 249 -4.41 9.67 -13.62
N VAL B 250 -4.94 9.32 -12.45
CA VAL B 250 -5.50 10.29 -11.51
C VAL B 250 -4.43 10.99 -10.70
N HIS B 251 -4.43 12.31 -10.75
CA HIS B 251 -3.47 13.14 -10.02
C HIS B 251 -4.07 13.58 -8.69
N ASP B 252 -5.38 13.82 -8.70
CA ASP B 252 -6.09 14.23 -7.51
C ASP B 252 -7.53 14.23 -7.95
N PHE B 253 -8.44 14.55 -7.03
CA PHE B 253 -9.86 14.59 -7.33
C PHE B 253 -10.09 15.50 -8.52
N ASN B 254 -10.65 14.91 -9.59
CA ASN B 254 -10.99 15.61 -10.84
C ASN B 254 -9.85 16.28 -11.54
N VAL B 255 -8.67 15.68 -11.42
CA VAL B 255 -7.49 16.17 -12.10
C VAL B 255 -6.88 14.87 -12.59
N ILE B 256 -6.99 14.65 -13.90
CA ILE B 256 -6.52 13.42 -14.50
C ILE B 256 -5.83 13.66 -15.81
N SER B 257 -5.26 12.59 -16.34
CA SER B 257 -4.62 12.59 -17.64
C SER B 257 -5.21 11.32 -18.26
N LEU B 258 -5.53 11.38 -19.55
CA LEU B 258 -6.12 10.24 -20.26
C LEU B 258 -5.19 9.69 -21.33
N LEU B 259 -4.90 8.40 -21.24
CA LEU B 259 -4.05 7.74 -22.23
C LEU B 259 -5.01 7.14 -23.25
N ASN B 260 -4.78 7.41 -24.54
CA ASN B 260 -5.63 6.81 -25.57
C ASN B 260 -5.13 5.37 -25.74
N MET B 261 -6.03 4.39 -25.79
CA MET B 261 -5.61 3.00 -25.87
C MET B 261 -5.08 2.48 -27.22
N GLN B 262 -5.25 3.28 -28.27
CA GLN B 262 -4.77 2.88 -29.58
C GLN B 262 -3.32 3.32 -29.71
N LYS B 263 -3.05 4.59 -29.47
CA LYS B 263 -1.67 5.04 -29.57
C LYS B 263 -0.87 4.75 -28.31
N THR B 264 -1.56 4.67 -27.18
CA THR B 264 -0.97 4.49 -25.84
C THR B 264 -0.08 5.70 -25.51
N TRP B 265 -0.61 6.89 -25.82
CA TRP B 265 0.00 8.18 -25.51
C TRP B 265 -1.11 9.01 -24.90
N PHE B 266 -0.74 9.96 -24.06
CA PHE B 266 -1.69 10.82 -23.38
C PHE B 266 -2.25 11.87 -24.31
N ILE B 267 -3.49 12.26 -24.09
CA ILE B 267 -4.09 13.29 -24.89
C ILE B 267 -3.78 14.64 -24.25
N LYS B 268 -3.56 15.65 -25.07
CA LYS B 268 -3.22 16.98 -24.58
C LYS B 268 -3.69 18.11 -25.49
N ARG B 269 -3.72 19.32 -24.95
CA ARG B 269 -4.11 20.50 -25.70
C ARG B 269 -2.97 20.62 -26.70
N PHE B 270 -3.29 20.69 -27.98
CA PHE B 270 -2.27 20.72 -29.02
C PHE B 270 -2.57 21.62 -30.21
N THR B 271 -1.52 22.25 -30.73
CA THR B 271 -1.60 23.13 -31.90
C THR B 271 -0.51 22.59 -32.83
N SER B 272 -0.91 21.88 -33.89
CA SER B 272 0.04 21.29 -34.81
C SER B 272 0.78 22.25 -35.73
N GLY B 273 0.23 23.45 -35.88
CA GLY B 273 0.84 24.42 -36.78
C GLY B 273 0.05 24.37 -38.08
N LYS B 274 -0.52 23.19 -38.37
CA LYS B 274 -1.34 23.02 -39.56
C LYS B 274 -2.49 24.00 -39.29
N PRO B 275 -2.57 25.06 -40.11
CA PRO B 275 -3.58 26.12 -40.02
C PRO B 275 -5.00 25.63 -39.67
N GLY B 276 -5.56 26.18 -38.60
CA GLY B 276 -6.91 25.81 -38.18
C GLY B 276 -7.01 24.94 -36.94
N PHE B 277 -6.11 23.96 -36.81
CA PHE B 277 -6.12 23.07 -35.65
C PHE B 277 -5.29 23.69 -34.53
N ILE B 278 -5.95 24.56 -33.78
CA ILE B 278 -5.35 25.28 -32.66
C ILE B 278 -6.01 24.86 -31.35
N ASN B 279 -5.20 24.42 -30.39
CA ASN B 279 -5.68 23.98 -29.07
C ASN B 279 -6.70 22.87 -29.12
N CYS B 280 -6.50 21.95 -30.04
CA CYS B 280 -7.41 20.81 -30.18
C CYS B 280 -6.81 19.63 -29.44
N MET B 281 -7.64 18.66 -29.08
CA MET B 281 -7.13 17.52 -28.37
C MET B 281 -6.40 16.57 -29.31
N ASN B 282 -5.18 16.22 -28.93
CA ASN B 282 -4.38 15.32 -29.72
C ASN B 282 -3.60 14.34 -28.83
N ALA B 283 -3.53 13.07 -29.21
CA ALA B 283 -2.77 12.09 -28.43
C ALA B 283 -1.32 12.37 -28.83
N ALA B 284 -0.77 13.45 -28.31
CA ALA B 284 0.56 13.89 -28.68
C ALA B 284 1.68 13.87 -27.67
N THR B 285 1.51 13.20 -26.53
CA THR B 285 2.60 13.15 -25.55
C THR B 285 2.71 11.76 -24.94
N GLN B 286 3.93 11.22 -24.96
CA GLN B 286 4.16 9.89 -24.42
C GLN B 286 3.93 9.80 -22.92
N ASN B 287 4.49 10.76 -22.20
CA ASN B 287 4.37 10.85 -20.75
C ASN B 287 3.55 12.11 -20.42
N VAL B 288 3.03 12.20 -19.21
CA VAL B 288 2.23 13.35 -18.81
C VAL B 288 3.04 14.63 -18.83
N ASP B 289 2.46 15.69 -19.42
CA ASP B 289 3.07 17.02 -19.42
C ASP B 289 1.99 17.95 -18.91
N GLU B 290 2.29 19.24 -18.78
CA GLU B 290 1.31 20.19 -18.25
C GLU B 290 0.06 20.31 -19.13
N THR B 291 0.24 20.21 -20.45
CA THR B 291 -0.89 20.30 -21.37
C THR B 291 -1.80 19.08 -21.30
N ALA B 292 -1.28 17.98 -20.76
CA ALA B 292 -2.02 16.73 -20.64
C ALA B 292 -2.84 16.64 -19.36
N ILE B 293 -2.81 17.70 -18.55
CA ILE B 293 -3.56 17.73 -17.29
C ILE B 293 -4.92 18.37 -17.49
N LEU B 294 -5.94 17.54 -17.30
CA LEU B 294 -7.33 17.92 -17.47
C LEU B 294 -8.06 18.01 -16.15
N GLU B 295 -8.85 19.07 -16.01
CA GLU B 295 -9.65 19.23 -14.79
C GLU B 295 -11.11 19.02 -15.13
N ILE B 296 -11.72 18.06 -14.46
CA ILE B 296 -13.12 17.74 -14.68
C ILE B 296 -14.03 18.69 -13.89
N ILE B 297 -14.85 19.44 -14.62
CA ILE B 297 -15.81 20.37 -14.02
C ILE B 297 -17.16 19.72 -14.29
N GLU B 298 -17.89 19.39 -13.24
CA GLU B 298 -19.19 18.76 -13.42
C GLU B 298 -20.27 19.79 -13.75
N LEU B 299 -21.03 19.50 -14.79
CA LEU B 299 -22.10 20.39 -15.20
C LEU B 299 -23.35 19.87 -14.51
O5 A2G C . 4.80 -4.12 -27.14
C1 A2G C . 4.11 -5.20 -27.72
O1 A2G C . 4.61 -5.51 -29.00
C2 A2G C . 2.64 -4.82 -27.83
N2 A2G C . 1.88 -5.92 -28.42
C3 A2G C . 2.52 -3.57 -28.72
O3 A2G C . 1.14 -3.15 -28.78
C4 A2G C . 3.39 -2.45 -28.17
O4 A2G C . 2.84 -2.01 -26.94
C5 A2G C . 4.81 -2.91 -27.93
C6 A2G C . 5.62 -1.89 -27.16
O6 A2G C . 5.62 -0.63 -27.80
C7 A2G C . 0.88 -6.48 -27.75
O7 A2G C . 0.59 -6.13 -26.60
C8 A2G C . 0.14 -7.61 -28.44
C1 GAL C . 0.77 -2.35 -29.86
C2 GAL C . -0.67 -2.65 -30.22
C3 GAL C . -1.13 -1.79 -31.39
C4 GAL C . -0.96 -0.34 -31.03
C5 GAL C . 0.48 -0.05 -30.54
C6 GAL C . 0.60 1.34 -30.00
O2 GAL C . -0.79 -4.02 -30.56
O3 GAL C . -2.51 -2.02 -31.64
O4 GAL C . -1.89 0.00 -30.03
O5 GAL C . 0.90 -0.97 -29.50
O6 GAL C . 1.95 1.65 -29.69
O5 A2G D . 4.15 11.20 25.15
C1 A2G D . 3.10 10.87 26.07
O1 A2G D . 3.15 11.64 27.22
C2 A2G D . 3.18 9.40 26.45
N2 A2G D . 2.14 9.08 27.41
C3 A2G D . 4.53 9.11 27.05
O3 A2G D . 4.60 7.72 27.44
C4 A2G D . 5.61 9.44 26.01
O4 A2G D . 5.46 8.61 24.86
C5 A2G D . 5.48 10.92 25.60
C6 A2G D . 6.41 11.31 24.47
O6 A2G D . 7.77 11.24 24.86
C7 A2G D . 1.18 8.20 27.12
O7 A2G D . 1.11 7.60 26.04
C8 A2G D . 0.15 7.96 28.21
C1 GAL D . 5.47 7.38 28.48
C2 GAL D . 4.93 6.12 29.14
C3 GAL D . 5.91 5.57 30.16
C4 GAL D . 7.28 5.38 29.55
C5 GAL D . 7.73 6.66 28.88
C6 GAL D . 9.09 6.55 28.22
O2 GAL D . 3.69 6.41 29.77
O3 GAL D . 5.46 4.31 30.62
O4 GAL D . 7.27 4.29 28.65
O5 GAL D . 6.77 7.14 27.92
O6 GAL D . 9.20 7.44 27.13
C FOR E . -5.08 -19.86 -4.77
O FOR E . -3.86 -19.75 -4.80
C MBN F . 5.67 -6.49 -29.07
C1 MBN F . 5.24 -7.95 -29.03
C2 MBN F . 3.98 -8.32 -29.48
C3 MBN F . 3.54 -9.60 -29.36
C4 MBN F . 4.37 -10.56 -28.79
C5 MBN F . 5.63 -10.20 -28.36
C6 MBN F . 6.06 -8.91 -28.47
C FOR G . -18.64 0.55 9.74
O FOR G . -18.16 1.70 9.66
C MBN H . 2.48 12.90 27.17
C1 MBN H . 1.05 12.84 27.57
C2 MBN H . 0.62 11.89 28.47
C3 MBN H . -0.70 11.83 28.87
C4 MBN H . -1.62 12.75 28.37
C5 MBN H . -1.19 13.71 27.48
C6 MBN H . 0.14 13.76 27.08
#